data_6M9D
#
_entry.id   6M9D
#
_cell.length_a   98.570
_cell.length_b   98.570
_cell.length_c   83.390
_cell.angle_alpha   90.00
_cell.angle_beta   90.00
_cell.angle_gamma   120.00
#
_symmetry.space_group_name_H-M   'P 62'
#
loop_
_entity.id
_entity.type
_entity.pdbx_description
1 polymer SEDOLISIN
2 polymer 'Chymostatin A'
3 non-polymer 'CALCIUM ION'
4 water water
#
loop_
_entity_poly.entity_id
_entity_poly.type
_entity_poly.pdbx_seq_one_letter_code
_entity_poly.pdbx_strand_id
1 'polypeptide(L)'
;GTAKGHNPTEFPTIYDASSAPTAANTTVGIITIGGVSQTLQDLQQFTSANGLASVNTQTIQTGSSNGDYSDDQQGQGEWD
LDSQSIVGSAGGAVQQLLFYMADQSASGNTGLTQAFNQAVSDNVAKVINVSLGWCEADANADGTLQAEDRIFATAAAQGQ
TFSVSSGDEGVYECNNRGYPDGSTYSVSWPASSPNVIAVGGTTLYTTSAGAYSNETVWNEGLDSNGKLWATGGGYSVYES
KPSWQSVVSGTPGRRLLPDISFDAAQGTGALIYNYGQLQQIGGTSLASPIFVGLWARLQSANSNSLGFPAASFYSAISST
PSLVHDVKSGNNGYGGYGYNAGTGWDYPTGWGSLDIAKLSAYIRSNGF
;
A
2 'polypeptide(L)' F(CSI)L(PHL) B
#
# COMPACT_ATOMS: atom_id res chain seq x y z
N GLY A 1 23.87 4.74 -7.59
CA GLY A 1 22.67 3.93 -7.68
C GLY A 1 22.02 3.95 -9.04
N THR A 2 21.22 2.96 -9.42
CA THR A 2 20.61 2.70 -10.73
C THR A 2 19.11 2.47 -10.58
N ALA A 3 18.39 3.02 -11.54
CA ALA A 3 16.93 2.90 -11.71
C ALA A 3 16.71 1.67 -12.60
N LYS A 4 16.10 0.62 -12.07
CA LYS A 4 15.80 -0.52 -12.77
C LYS A 4 14.64 -1.37 -12.26
N GLY A 5 14.11 -2.26 -12.93
CA GLY A 5 13.12 -3.19 -12.44
C GLY A 5 13.67 -4.22 -11.49
N HIS A 6 12.91 -4.92 -10.58
CA HIS A 6 13.16 -5.82 -9.45
C HIS A 6 12.09 -6.91 -9.38
N ASN A 7 12.54 -8.11 -9.28
CA ASN A 7 11.80 -9.27 -8.81
C ASN A 7 11.34 -9.01 -7.38
N PRO A 8 10.06 -9.22 -7.02
CA PRO A 8 9.55 -9.08 -5.64
C PRO A 8 10.45 -9.74 -4.61
N THR A 9 11.09 -10.86 -4.96
CA THR A 9 11.96 -11.50 -3.98
C THR A 9 13.12 -10.62 -3.54
N GLU A 10 13.40 -9.50 -4.20
CA GLU A 10 14.51 -8.66 -3.75
C GLU A 10 14.12 -7.64 -2.69
N PHE A 11 12.82 -7.39 -2.50
CA PHE A 11 12.50 -6.32 -1.54
C PHE A 11 13.00 -6.56 -0.13
N PRO A 12 13.05 -7.75 0.45
CA PRO A 12 13.62 -7.89 1.81
C PRO A 12 15.03 -7.34 1.93
N THR A 13 15.88 -7.63 0.94
CA THR A 13 17.25 -7.12 1.08
C THR A 13 17.28 -5.61 0.81
N ILE A 14 16.44 -5.10 -0.09
CA ILE A 14 16.47 -3.65 -0.29
C ILE A 14 16.03 -2.89 0.95
N TYR A 15 15.05 -3.42 1.69
CA TYR A 15 14.51 -2.70 2.84
C TYR A 15 14.93 -3.32 4.16
N ASP A 16 16.01 -4.07 4.19
CA ASP A 16 16.71 -4.60 5.36
C ASP A 16 15.92 -5.63 6.17
N ALA A 17 15.26 -6.57 5.51
CA ALA A 17 14.39 -7.53 6.18
C ALA A 17 14.87 -8.98 6.13
N SER A 18 16.06 -9.22 5.62
CA SER A 18 16.50 -10.60 5.44
C SER A 18 16.70 -11.33 6.77
N SER A 19 17.03 -10.62 7.85
CA SER A 19 17.34 -11.26 9.12
C SER A 19 16.09 -11.45 10.00
N ALA A 20 14.95 -10.98 9.52
CA ALA A 20 13.67 -11.20 10.18
C ALA A 20 13.01 -12.49 9.67
N PRO A 21 12.08 -13.01 10.47
CA PRO A 21 11.39 -14.23 10.06
C PRO A 21 10.50 -13.92 8.86
N THR A 22 10.13 -14.97 8.17
CA THR A 22 9.12 -14.81 7.12
C THR A 22 7.76 -14.67 7.80
N ALA A 23 6.72 -14.51 7.01
CA ALA A 23 5.34 -14.30 7.44
C ALA A 23 4.57 -15.61 7.53
N ALA A 24 5.27 -16.71 7.65
CA ALA A 24 4.75 -18.07 7.69
C ALA A 24 3.72 -18.25 8.79
N ASN A 25 3.83 -17.42 9.83
CA ASN A 25 2.80 -17.57 10.86
C ASN A 25 1.80 -16.43 10.85
N THR A 26 1.77 -15.66 9.78
CA THR A 26 0.75 -14.59 9.72
C THR A 26 -0.11 -14.75 8.47
N THR A 27 -1.42 -14.62 8.65
CA THR A 27 -2.38 -14.69 7.56
C THR A 27 -2.61 -13.31 6.99
N VAL A 28 -2.56 -13.20 5.68
CA VAL A 28 -2.64 -11.93 4.94
C VAL A 28 -3.81 -11.93 3.96
N GLY A 29 -4.48 -10.80 3.92
CA GLY A 29 -5.62 -10.52 3.09
C GLY A 29 -5.33 -9.55 1.97
N ILE A 30 -6.08 -9.72 0.89
CA ILE A 30 -6.07 -8.82 -0.26
C ILE A 30 -7.48 -8.59 -0.77
N ILE A 31 -7.84 -7.33 -0.91
CA ILE A 31 -9.16 -7.00 -1.44
C ILE A 31 -9.12 -6.90 -2.96
N THR A 32 -10.03 -7.60 -3.64
CA THR A 32 -10.09 -7.48 -5.09
C THR A 32 -11.51 -7.13 -5.55
N ILE A 33 -11.59 -6.74 -6.81
CA ILE A 33 -12.86 -6.53 -7.50
C ILE A 33 -13.02 -7.62 -8.53
N GLY A 34 -13.94 -8.56 -8.27
CA GLY A 34 -14.11 -9.68 -9.16
C GLY A 34 -13.22 -10.86 -8.85
N GLY A 35 -13.12 -11.82 -9.79
CA GLY A 35 -12.41 -13.05 -9.54
C GLY A 35 -10.91 -13.00 -9.74
N VAL A 36 -10.24 -14.10 -9.38
CA VAL A 36 -8.78 -14.19 -9.39
C VAL A 36 -8.29 -15.51 -9.97
N SER A 37 -9.08 -16.16 -10.82
CA SER A 37 -8.62 -17.43 -11.41
C SER A 37 -7.29 -17.29 -12.12
N GLN A 38 -7.13 -16.33 -13.02
CA GLN A 38 -5.84 -16.24 -13.73
C GLN A 38 -4.75 -15.89 -12.73
N THR A 39 -5.06 -14.94 -11.85
CA THR A 39 -4.15 -14.55 -10.77
C THR A 39 -3.56 -15.76 -10.06
N LEU A 40 -4.38 -16.78 -9.77
CA LEU A 40 -3.87 -17.91 -9.00
C LEU A 40 -2.91 -18.78 -9.79
N GLN A 41 -3.16 -18.83 -11.10
CA GLN A 41 -2.25 -19.51 -12.02
C GLN A 41 -0.91 -18.77 -12.05
N ASP A 42 -1.04 -17.45 -12.21
CA ASP A 42 0.12 -16.57 -12.25
C ASP A 42 0.93 -16.70 -10.96
N LEU A 43 0.21 -16.90 -9.85
CA LEU A 43 0.86 -17.01 -8.55
C LEU A 43 1.60 -18.34 -8.44
N GLN A 44 1.01 -19.37 -9.04
CA GLN A 44 1.71 -20.65 -9.16
C GLN A 44 2.99 -20.53 -9.98
N GLN A 45 2.91 -19.81 -11.10
CA GLN A 45 4.08 -19.53 -11.94
C GLN A 45 5.17 -18.84 -11.13
N PHE A 46 4.79 -17.81 -10.37
CA PHE A 46 5.70 -17.09 -9.48
C PHE A 46 6.37 -17.98 -8.45
N THR A 47 5.63 -18.74 -7.63
CA THR A 47 6.34 -19.53 -6.61
C THR A 47 7.24 -20.57 -7.27
N SER A 48 6.75 -21.22 -8.32
CA SER A 48 7.53 -22.29 -8.95
C SER A 48 8.83 -21.75 -9.54
N ALA A 49 8.72 -20.64 -10.24
CA ALA A 49 9.90 -20.06 -10.88
C ALA A 49 10.96 -19.71 -9.86
N ASN A 50 10.50 -19.19 -8.73
CA ASN A 50 11.49 -18.77 -7.74
C ASN A 50 11.84 -19.91 -6.82
N GLY A 51 11.36 -21.12 -7.10
CA GLY A 51 11.81 -22.24 -6.27
C GLY A 51 11.22 -22.19 -4.89
N LEU A 52 10.09 -21.50 -4.75
CA LEU A 52 9.52 -21.37 -3.42
C LEU A 52 8.47 -22.45 -3.16
N ALA A 53 8.24 -22.71 -1.87
CA ALA A 53 7.10 -23.52 -1.45
C ALA A 53 5.80 -22.82 -1.84
N SER A 54 4.86 -23.59 -2.33
CA SER A 54 3.55 -23.14 -2.78
C SER A 54 2.80 -22.36 -1.71
N VAL A 55 1.98 -21.39 -2.11
CA VAL A 55 1.22 -20.64 -1.13
C VAL A 55 -0.21 -21.14 -0.94
N ASN A 56 -0.57 -21.40 0.31
CA ASN A 56 -1.95 -21.75 0.61
C ASN A 56 -2.85 -20.55 0.41
N THR A 57 -3.77 -20.65 -0.53
CA THR A 57 -4.69 -19.56 -0.81
C THR A 57 -6.12 -19.94 -0.47
N GLN A 58 -6.95 -18.93 -0.26
CA GLN A 58 -8.39 -19.11 -0.18
C GLN A 58 -9.08 -18.00 -0.96
N THR A 59 -10.18 -18.29 -1.65
CA THR A 59 -10.91 -17.20 -2.27
C THR A 59 -12.29 -17.07 -1.63
N ILE A 60 -12.71 -15.82 -1.41
CA ILE A 60 -13.98 -15.60 -0.71
C ILE A 60 -14.87 -14.66 -1.51
N GLN A 61 -16.09 -15.10 -1.73
CA GLN A 61 -17.19 -14.38 -2.35
C GLN A 61 -17.84 -13.52 -1.26
N THR A 62 -17.50 -12.25 -1.21
CA THR A 62 -17.89 -11.44 -0.05
C THR A 62 -19.33 -10.98 -0.07
N GLY A 63 -20.02 -11.03 -1.22
CA GLY A 63 -21.40 -10.56 -1.27
C GLY A 63 -22.39 -11.66 -1.59
N SER A 64 -23.34 -11.37 -2.47
CA SER A 64 -24.40 -12.29 -2.89
C SER A 64 -23.86 -13.56 -3.53
N SER A 65 -24.41 -14.70 -3.12
CA SER A 65 -24.00 -15.99 -3.68
C SER A 65 -24.37 -16.12 -5.15
N ASN A 66 -25.18 -15.20 -5.66
CA ASN A 66 -25.46 -15.10 -7.09
C ASN A 66 -24.77 -13.88 -7.69
N GLY A 67 -23.74 -13.31 -7.05
CA GLY A 67 -23.12 -12.12 -7.61
C GLY A 67 -22.09 -12.45 -8.66
N ASP A 68 -21.52 -11.43 -9.31
CA ASP A 68 -20.57 -11.67 -10.39
C ASP A 68 -19.12 -11.66 -9.92
N TYR A 69 -18.55 -12.84 -9.73
CA TYR A 69 -17.16 -13.02 -9.29
C TYR A 69 -16.29 -13.53 -10.42
N SER A 70 -16.78 -13.28 -11.64
CA SER A 70 -15.98 -13.52 -12.83
C SER A 70 -14.68 -12.71 -12.80
N ASP A 71 -13.67 -13.17 -13.50
CA ASP A 71 -12.41 -12.43 -13.59
C ASP A 71 -12.61 -11.14 -14.38
N ASP A 72 -12.01 -10.04 -13.94
CA ASP A 72 -11.83 -8.83 -14.73
C ASP A 72 -10.42 -8.88 -15.31
N GLN A 73 -10.30 -8.81 -16.63
CA GLN A 73 -8.99 -9.06 -17.22
C GLN A 73 -7.95 -8.06 -16.73
N GLN A 74 -8.24 -6.77 -16.84
CA GLN A 74 -7.29 -5.78 -16.33
C GLN A 74 -7.04 -5.97 -14.83
N GLY A 75 -8.08 -6.43 -14.13
CA GLY A 75 -7.98 -6.68 -12.70
C GLY A 75 -6.90 -7.65 -12.32
N GLN A 76 -6.71 -8.69 -13.13
CA GLN A 76 -5.74 -9.73 -12.78
C GLN A 76 -4.35 -9.13 -12.61
N GLY A 77 -4.01 -8.15 -13.44
CA GLY A 77 -2.75 -7.45 -13.31
C GLY A 77 -2.57 -6.85 -11.93
N GLU A 78 -3.61 -6.22 -11.37
CA GLU A 78 -3.45 -5.68 -10.02
C GLU A 78 -3.27 -6.79 -8.99
N TRP A 79 -4.11 -7.81 -9.04
CA TRP A 79 -4.08 -8.88 -8.04
C TRP A 79 -2.77 -9.66 -8.16
N ASP A 80 -2.23 -9.75 -9.36
CA ASP A 80 -0.91 -10.29 -9.62
C ASP A 80 0.15 -9.50 -8.87
N LEU A 81 0.19 -8.20 -9.20
CA LEU A 81 1.10 -7.27 -8.53
C LEU A 81 1.00 -7.38 -7.02
N ASP A 82 -0.22 -7.39 -6.50
CA ASP A 82 -0.43 -7.41 -5.05
C ASP A 82 0.09 -8.70 -4.44
N SER A 83 -0.37 -9.85 -4.94
CA SER A 83 0.01 -11.12 -4.33
C SER A 83 1.49 -11.45 -4.51
N GLN A 84 2.05 -11.27 -5.70
CA GLN A 84 3.48 -11.58 -5.85
C GLN A 84 4.37 -10.67 -5.01
N SER A 85 4.05 -9.39 -4.89
CA SER A 85 4.84 -8.44 -4.12
C SER A 85 4.72 -8.73 -2.62
N ILE A 86 3.52 -9.08 -2.18
CA ILE A 86 3.38 -9.43 -0.76
C ILE A 86 4.24 -10.63 -0.44
N VAL A 87 4.10 -11.68 -1.27
CA VAL A 87 4.86 -12.88 -0.93
C VAL A 87 6.36 -12.68 -1.09
N GLY A 88 6.81 -11.93 -2.09
CA GLY A 88 8.24 -11.66 -2.18
C GLY A 88 8.71 -10.88 -0.97
N SER A 89 7.96 -9.86 -0.59
CA SER A 89 8.40 -9.00 0.51
C SER A 89 8.38 -9.74 1.84
N ALA A 90 7.46 -10.69 1.96
CA ALA A 90 7.34 -11.49 3.19
C ALA A 90 8.48 -12.47 3.37
N GLY A 91 9.39 -12.51 2.41
CA GLY A 91 10.49 -13.47 2.41
C GLY A 91 10.11 -14.81 1.82
N GLY A 92 9.00 -14.90 1.08
CA GLY A 92 8.67 -16.10 0.35
C GLY A 92 7.64 -17.03 0.95
N ALA A 93 7.07 -16.67 2.10
CA ALA A 93 6.05 -17.48 2.74
C ALA A 93 5.11 -16.64 3.62
N VAL A 94 3.84 -16.94 3.50
CA VAL A 94 2.78 -16.47 4.38
C VAL A 94 2.01 -17.67 4.89
N GLN A 95 1.33 -17.55 6.03
CA GLN A 95 0.57 -18.69 6.55
C GLN A 95 -0.51 -19.12 5.57
N GLN A 96 -1.22 -18.10 5.11
CA GLN A 96 -2.30 -18.23 4.13
C GLN A 96 -2.57 -16.86 3.48
N LEU A 97 -2.96 -16.88 2.23
CA LEU A 97 -3.30 -15.72 1.42
C LEU A 97 -4.78 -15.77 1.06
N LEU A 98 -5.55 -14.81 1.58
CA LEU A 98 -6.97 -14.73 1.35
C LEU A 98 -7.32 -13.61 0.37
N PHE A 99 -8.10 -13.94 -0.66
CA PHE A 99 -8.59 -13.00 -1.64
C PHE A 99 -10.07 -12.71 -1.37
N TYR A 100 -10.32 -11.51 -0.85
CA TYR A 100 -11.66 -11.06 -0.49
C TYR A 100 -12.24 -10.34 -1.72
N MET A 101 -13.04 -11.07 -2.46
CA MET A 101 -13.60 -10.81 -3.76
C MET A 101 -14.89 -10.00 -3.73
N ALA A 102 -14.85 -8.78 -4.25
CA ALA A 102 -16.04 -7.96 -4.35
C ALA A 102 -16.93 -8.35 -5.53
N ASP A 103 -18.23 -8.38 -5.28
CA ASP A 103 -19.25 -8.66 -6.28
C ASP A 103 -19.27 -7.56 -7.32
N GLN A 104 -19.26 -7.93 -8.60
CA GLN A 104 -19.24 -6.91 -9.63
C GLN A 104 -20.63 -6.45 -10.05
N SER A 105 -21.65 -7.13 -9.58
CA SER A 105 -23.03 -6.87 -9.96
C SER A 105 -23.70 -5.88 -9.00
N ALA A 106 -23.10 -5.70 -7.83
CA ALA A 106 -23.66 -4.89 -6.75
C ALA A 106 -23.85 -3.45 -7.19
N SER A 107 -24.67 -2.71 -6.44
CA SER A 107 -24.94 -1.32 -6.78
C SER A 107 -23.90 -0.40 -6.14
N GLY A 108 -23.81 0.81 -6.67
CA GLY A 108 -22.95 1.85 -6.15
C GLY A 108 -21.56 1.31 -5.85
N ASN A 109 -21.08 1.55 -4.64
CA ASN A 109 -19.79 1.02 -4.22
C ASN A 109 -19.97 -0.13 -3.23
N THR A 110 -21.18 -0.68 -3.19
CA THR A 110 -21.62 -1.67 -2.21
C THR A 110 -20.83 -2.97 -2.26
N GLY A 111 -20.41 -3.33 -3.46
CA GLY A 111 -19.60 -4.54 -3.58
C GLY A 111 -18.30 -4.37 -2.82
N LEU A 112 -17.58 -3.27 -3.11
CA LEU A 112 -16.31 -3.09 -2.40
C LEU A 112 -16.50 -3.01 -0.90
N THR A 113 -17.51 -2.23 -0.52
CA THR A 113 -17.79 -2.08 0.90
C THR A 113 -18.02 -3.42 1.58
N GLN A 114 -18.85 -4.27 0.99
CA GLN A 114 -19.08 -5.58 1.60
C GLN A 114 -17.76 -6.35 1.65
N ALA A 115 -16.86 -6.13 0.69
CA ALA A 115 -15.61 -6.90 0.75
C ALA A 115 -14.77 -6.44 1.94
N PHE A 116 -14.70 -5.12 2.16
CA PHE A 116 -13.98 -4.67 3.35
C PHE A 116 -14.63 -5.28 4.59
N ASN A 117 -15.97 -5.29 4.54
CA ASN A 117 -16.72 -5.73 5.69
C ASN A 117 -16.47 -7.20 6.04
N GLN A 118 -16.38 -8.08 5.05
CA GLN A 118 -16.16 -9.51 5.31
C GLN A 118 -14.78 -9.77 5.89
N ALA A 119 -13.78 -9.07 5.35
CA ALA A 119 -12.44 -9.24 5.91
C ALA A 119 -12.44 -8.87 7.39
N VAL A 120 -13.18 -7.82 7.73
CA VAL A 120 -13.19 -7.37 9.13
C VAL A 120 -14.01 -8.30 10.02
N SER A 121 -15.16 -8.69 9.49
CA SER A 121 -16.04 -9.58 10.25
C SER A 121 -15.41 -10.94 10.48
N ASP A 122 -14.73 -11.54 9.50
CA ASP A 122 -14.04 -12.81 9.75
C ASP A 122 -12.89 -12.69 10.74
N ASN A 123 -12.19 -11.55 10.73
CA ASN A 123 -11.08 -11.28 11.64
C ASN A 123 -10.05 -12.41 11.65
N VAL A 124 -9.73 -12.98 10.48
CA VAL A 124 -8.61 -13.94 10.51
C VAL A 124 -7.40 -13.36 9.79
N ALA A 125 -7.54 -12.46 8.82
CA ALA A 125 -6.31 -11.86 8.30
C ALA A 125 -5.79 -10.75 9.21
N LYS A 126 -4.52 -10.81 9.60
CA LYS A 126 -3.94 -9.79 10.46
C LYS A 126 -3.62 -8.49 9.72
N VAL A 127 -3.28 -8.59 8.45
CA VAL A 127 -2.94 -7.45 7.61
C VAL A 127 -3.66 -7.65 6.27
N ILE A 128 -4.25 -6.58 5.77
CA ILE A 128 -5.01 -6.62 4.51
C ILE A 128 -4.60 -5.51 3.55
N ASN A 129 -4.28 -5.92 2.32
CA ASN A 129 -3.85 -4.98 1.31
C ASN A 129 -4.99 -4.39 0.47
N VAL A 130 -4.91 -3.09 0.21
CA VAL A 130 -5.90 -2.40 -0.61
C VAL A 130 -5.23 -1.50 -1.64
N SER A 131 -5.04 -2.05 -2.84
CA SER A 131 -4.31 -1.32 -3.87
C SER A 131 -5.28 -0.61 -4.79
N LEU A 132 -6.15 0.23 -4.21
CA LEU A 132 -7.08 0.95 -5.08
C LEU A 132 -7.64 2.18 -4.38
N GLY A 133 -8.40 2.98 -5.13
CA GLY A 133 -8.98 4.18 -4.53
C GLY A 133 -9.52 5.12 -5.59
N TRP A 134 -10.05 6.25 -5.11
CA TRP A 134 -10.61 7.30 -5.97
C TRP A 134 -10.81 8.57 -5.15
N CYS A 135 -11.19 9.65 -5.82
CA CYS A 135 -11.38 10.97 -5.26
C CYS A 135 -12.16 10.92 -3.96
N GLU A 136 -11.56 11.33 -2.82
CA GLU A 136 -12.31 11.23 -1.58
C GLU A 136 -13.63 11.99 -1.62
N ALA A 137 -13.67 13.06 -2.40
CA ALA A 137 -14.85 13.93 -2.43
C ALA A 137 -16.03 13.22 -3.08
N ASP A 138 -15.72 12.42 -4.09
CA ASP A 138 -16.75 11.58 -4.71
C ASP A 138 -17.20 10.53 -3.70
N ALA A 139 -16.22 9.96 -2.99
CA ALA A 139 -16.63 8.96 -2.01
C ALA A 139 -17.52 9.59 -0.93
N ASN A 140 -17.22 10.85 -0.62
CA ASN A 140 -17.98 11.54 0.40
C ASN A 140 -19.39 11.85 -0.08
N ALA A 141 -19.49 12.29 -1.33
CA ALA A 141 -20.76 12.72 -1.87
C ALA A 141 -21.86 11.68 -1.81
N ASP A 142 -21.48 10.40 -1.97
CA ASP A 142 -22.49 9.36 -2.10
C ASP A 142 -22.57 8.45 -0.89
N GLY A 143 -21.94 8.83 0.22
CA GLY A 143 -22.06 8.07 1.44
C GLY A 143 -21.09 6.93 1.59
N THR A 144 -20.26 6.67 0.58
CA THR A 144 -19.32 5.55 0.66
C THR A 144 -18.27 5.77 1.74
N LEU A 145 -17.73 6.99 1.84
CA LEU A 145 -16.72 7.27 2.86
C LEU A 145 -17.24 6.93 4.24
N GLN A 146 -18.42 7.44 4.57
CA GLN A 146 -18.97 7.17 5.90
C GLN A 146 -19.15 5.69 6.18
N ALA A 147 -19.74 4.99 5.20
CA ALA A 147 -19.91 3.56 5.38
C ALA A 147 -18.60 2.84 5.64
N GLU A 148 -17.62 3.06 4.77
CA GLU A 148 -16.36 2.33 4.87
C GLU A 148 -15.53 2.67 6.09
N ASP A 149 -15.54 3.92 6.54
CA ASP A 149 -14.73 4.28 7.71
C ASP A 149 -15.19 3.55 8.96
N ARG A 150 -16.48 3.27 9.09
CA ARG A 150 -16.99 2.52 10.24
C ARG A 150 -16.34 1.14 10.31
N ILE A 151 -16.20 0.57 9.11
CA ILE A 151 -15.57 -0.75 9.04
C ILE A 151 -14.09 -0.64 9.35
N PHE A 152 -13.38 0.36 8.81
CA PHE A 152 -11.95 0.43 9.15
C PHE A 152 -11.75 0.67 10.63
N ALA A 153 -12.59 1.52 11.21
CA ALA A 153 -12.48 1.73 12.66
C ALA A 153 -12.58 0.43 13.45
N THR A 154 -13.49 -0.44 13.04
CA THR A 154 -13.65 -1.72 13.73
C THR A 154 -12.38 -2.55 13.62
N ALA A 155 -11.81 -2.53 12.41
CA ALA A 155 -10.57 -3.26 12.17
C ALA A 155 -9.47 -2.82 13.11
N ALA A 156 -9.29 -1.49 13.12
CA ALA A 156 -8.22 -0.96 13.96
C ALA A 156 -8.41 -1.36 15.42
N ALA A 157 -9.68 -1.30 15.84
CA ALA A 157 -9.95 -1.60 17.24
C ALA A 157 -9.67 -3.09 17.47
N GLN A 158 -9.83 -3.88 16.41
CA GLN A 158 -9.58 -5.32 16.70
C GLN A 158 -8.14 -5.68 16.38
N GLY A 159 -7.30 -4.69 16.06
CA GLY A 159 -5.88 -4.99 15.91
C GLY A 159 -5.44 -5.40 14.52
N GLN A 160 -6.34 -5.34 13.55
CA GLN A 160 -6.04 -5.55 12.15
C GLN A 160 -5.48 -4.29 11.49
N THR A 161 -4.54 -4.50 10.58
CA THR A 161 -3.93 -3.42 9.81
C THR A 161 -4.35 -3.48 8.34
N PHE A 162 -5.10 -2.46 7.95
CA PHE A 162 -5.36 -2.21 6.54
C PHE A 162 -4.27 -1.29 5.97
N SER A 163 -3.73 -1.66 4.83
CA SER A 163 -2.71 -0.90 4.12
C SER A 163 -3.30 -0.41 2.80
N VAL A 164 -3.27 0.90 2.56
CA VAL A 164 -3.88 1.48 1.38
C VAL A 164 -2.99 2.38 0.55
N SER A 165 -2.96 2.13 -0.76
CA SER A 165 -2.25 3.02 -1.68
C SER A 165 -2.77 4.44 -1.68
N SER A 166 -1.85 5.41 -1.67
CA SER A 166 -2.22 6.82 -1.54
C SER A 166 -2.73 7.41 -2.84
N GLY A 167 -2.34 6.77 -3.93
CA GLY A 167 -2.74 7.27 -5.25
C GLY A 167 -1.62 7.38 -6.26
N ASP A 168 -1.98 7.57 -7.53
CA ASP A 168 -1.03 7.64 -8.62
C ASP A 168 -1.26 8.89 -9.47
N GLU A 169 -1.98 9.85 -8.89
CA GLU A 169 -2.39 11.04 -9.63
C GLU A 169 -1.79 12.29 -9.00
N GLY A 170 -0.77 12.06 -8.15
CA GLY A 170 -0.16 13.15 -7.40
C GLY A 170 -1.20 13.95 -6.63
N VAL A 171 -1.03 15.27 -6.60
CA VAL A 171 -1.99 16.18 -5.98
C VAL A 171 -3.29 16.32 -6.76
N TYR A 172 -3.39 15.73 -7.94
CA TYR A 172 -4.53 15.93 -8.84
C TYR A 172 -5.52 14.79 -8.91
N GLU A 173 -5.82 14.18 -7.76
CA GLU A 173 -6.67 13.01 -7.69
C GLU A 173 -8.09 13.26 -8.20
N CYS A 174 -8.65 14.41 -7.83
CA CYS A 174 -10.05 14.68 -8.15
C CYS A 174 -10.24 15.43 -9.47
N ASN A 175 -9.19 15.77 -10.21
CA ASN A 175 -9.39 16.41 -11.52
C ASN A 175 -9.38 15.41 -12.67
N ASN A 176 -10.46 14.67 -12.87
CA ASN A 176 -10.48 13.70 -13.97
C ASN A 176 -9.45 12.61 -13.75
N ARG A 177 -9.16 12.32 -12.48
CA ARG A 177 -8.17 11.33 -12.08
C ARG A 177 -6.80 11.65 -12.66
N GLY A 178 -6.23 12.79 -12.27
CA GLY A 178 -4.85 13.07 -12.59
C GLY A 178 -4.56 14.17 -13.57
N TYR A 179 -5.55 14.92 -14.06
CA TYR A 179 -5.20 16.00 -14.99
C TYR A 179 -4.71 17.25 -14.26
N PRO A 180 -3.59 17.82 -14.70
CA PRO A 180 -3.06 19.02 -14.03
C PRO A 180 -4.12 20.11 -13.89
N ASP A 181 -4.13 20.70 -12.71
CA ASP A 181 -5.09 21.66 -12.22
C ASP A 181 -4.43 22.70 -11.31
N GLY A 182 -3.22 23.08 -11.70
CA GLY A 182 -2.45 24.12 -11.06
C GLY A 182 -2.35 23.94 -9.56
N SER A 183 -2.81 24.94 -8.83
CA SER A 183 -2.68 24.95 -7.38
C SER A 183 -3.80 24.17 -6.70
N THR A 184 -4.65 23.52 -7.50
CA THR A 184 -5.77 22.79 -6.89
C THR A 184 -5.44 21.35 -6.55
N TYR A 185 -5.36 21.05 -5.25
CA TYR A 185 -4.88 19.76 -4.75
C TYR A 185 -5.98 18.96 -4.04
N SER A 186 -5.92 17.64 -4.20
CA SER A 186 -6.86 16.70 -3.64
C SER A 186 -6.22 15.37 -3.25
N VAL A 187 -6.99 14.49 -2.59
CA VAL A 187 -6.50 13.20 -2.15
C VAL A 187 -7.53 12.08 -2.38
N SER A 188 -7.01 10.85 -2.31
CA SER A 188 -7.73 9.62 -2.56
C SER A 188 -8.27 8.94 -1.32
N TRP A 189 -9.45 8.34 -1.41
CA TRP A 189 -10.12 7.50 -0.44
C TRP A 189 -10.01 6.04 -0.88
N PRO A 190 -9.80 5.05 -0.02
CA PRO A 190 -9.71 5.17 1.44
C PRO A 190 -8.37 5.50 2.06
N ALA A 191 -7.36 5.96 1.34
CA ALA A 191 -6.10 6.30 2.02
C ALA A 191 -6.27 7.39 3.07
N SER A 192 -7.20 8.33 2.86
CA SER A 192 -7.36 9.48 3.72
C SER A 192 -7.95 9.12 5.08
N SER A 193 -8.41 7.89 5.23
CA SER A 193 -8.88 7.38 6.51
C SER A 193 -7.79 7.34 7.57
N PRO A 194 -8.13 7.74 8.78
CA PRO A 194 -7.24 7.61 9.93
C PRO A 194 -7.08 6.21 10.51
N ASN A 195 -8.01 5.32 10.30
CA ASN A 195 -8.07 3.92 10.64
C ASN A 195 -7.34 2.99 9.67
N VAL A 196 -6.56 3.52 8.74
CA VAL A 196 -5.72 2.69 7.88
C VAL A 196 -4.32 3.26 7.79
N ILE A 197 -3.38 2.46 7.30
CA ILE A 197 -2.05 2.98 6.99
C ILE A 197 -2.00 3.37 5.50
N ALA A 198 -1.58 4.61 5.27
CA ALA A 198 -1.50 5.11 3.89
C ALA A 198 -0.04 5.08 3.44
N VAL A 199 0.16 4.46 2.28
CA VAL A 199 1.48 4.16 1.77
C VAL A 199 1.74 4.85 0.44
N GLY A 200 2.68 5.79 0.44
CA GLY A 200 3.05 6.54 -0.75
C GLY A 200 4.12 5.89 -1.59
N GLY A 201 4.61 6.60 -2.62
CA GLY A 201 5.53 5.99 -3.55
C GLY A 201 6.84 6.69 -3.80
N THR A 202 7.87 5.87 -4.01
CA THR A 202 9.21 6.36 -4.27
C THR A 202 9.72 5.97 -5.65
N THR A 203 10.79 6.67 -6.03
CA THR A 203 11.73 6.30 -7.07
C THR A 203 12.94 5.62 -6.39
N LEU A 204 13.12 4.33 -6.66
CA LEU A 204 14.06 3.49 -5.93
C LEU A 204 15.34 3.20 -6.73
N TYR A 205 16.48 3.59 -6.16
CA TYR A 205 17.80 3.39 -6.72
C TYR A 205 18.61 2.35 -5.95
N THR A 206 19.30 1.49 -6.68
CA THR A 206 20.04 0.40 -6.05
C THR A 206 21.50 0.33 -6.47
N THR A 207 22.38 -0.16 -5.59
CA THR A 207 23.76 -0.35 -6.00
C THR A 207 23.88 -1.49 -7.01
N SER A 208 25.04 -1.54 -7.66
CA SER A 208 25.38 -2.62 -8.58
C SER A 208 25.11 -3.98 -7.94
N ALA A 209 25.47 -4.04 -6.65
CA ALA A 209 25.32 -5.32 -5.97
C ALA A 209 23.89 -5.57 -5.54
N GLY A 210 22.97 -4.63 -5.77
CA GLY A 210 21.58 -4.76 -5.39
C GLY A 210 21.23 -4.22 -4.02
N ALA A 211 22.15 -3.53 -3.34
CA ALA A 211 21.77 -2.95 -2.06
C ALA A 211 20.97 -1.65 -2.25
N TYR A 212 20.34 -1.20 -1.16
CA TYR A 212 19.65 0.09 -1.18
C TYR A 212 20.65 1.19 -1.50
N SER A 213 20.31 2.11 -2.40
CA SER A 213 21.14 3.30 -2.60
C SER A 213 20.42 4.56 -2.13
N ASN A 214 19.24 4.83 -2.69
CA ASN A 214 18.50 6.00 -2.22
C ASN A 214 17.11 6.05 -2.85
N GLU A 215 16.28 6.95 -2.34
CA GLU A 215 14.92 7.10 -2.85
C GLU A 215 14.57 8.59 -2.97
N THR A 216 13.92 8.92 -4.07
CA THR A 216 13.36 10.23 -4.32
C THR A 216 11.85 10.12 -4.47
N VAL A 217 11.17 11.24 -4.65
CA VAL A 217 9.72 11.11 -4.82
C VAL A 217 9.33 10.39 -6.11
N TRP A 218 8.28 9.56 -6.10
CA TRP A 218 7.77 9.05 -7.37
C TRP A 218 7.00 10.14 -8.12
N ASN A 219 7.56 10.47 -9.29
CA ASN A 219 6.90 11.39 -10.21
C ASN A 219 7.43 11.21 -11.62
N GLU A 220 6.68 10.48 -12.45
CA GLU A 220 7.16 10.23 -13.82
C GLU A 220 6.45 11.09 -14.85
N GLY A 221 5.95 12.26 -14.44
CA GLY A 221 5.37 13.21 -15.39
C GLY A 221 4.09 12.74 -16.05
N LEU A 222 3.75 13.37 -17.18
CA LEU A 222 2.49 13.14 -17.87
C LEU A 222 2.56 12.02 -18.91
N ASP A 223 1.47 11.27 -19.05
CA ASP A 223 1.42 10.27 -20.12
C ASP A 223 0.99 10.93 -21.42
N SER A 224 0.72 10.13 -22.46
CA SER A 224 0.38 10.73 -23.75
C SER A 224 -1.02 11.31 -23.74
N ASN A 225 -1.78 10.98 -22.70
CA ASN A 225 -3.12 11.54 -22.56
C ASN A 225 -3.09 12.88 -21.84
N GLY A 226 -1.97 13.20 -21.21
CA GLY A 226 -1.83 14.41 -20.42
C GLY A 226 -2.05 14.19 -18.93
N LYS A 227 -2.10 12.93 -18.51
CA LYS A 227 -2.33 12.58 -17.12
C LYS A 227 -1.03 12.38 -16.35
N LEU A 228 -1.00 12.92 -15.13
CA LEU A 228 0.13 12.81 -14.23
C LEU A 228 0.19 11.44 -13.54
N TRP A 229 1.43 10.98 -13.43
CA TRP A 229 1.75 9.74 -12.74
C TRP A 229 2.75 10.03 -11.63
N ALA A 230 2.25 10.03 -10.40
CA ALA A 230 3.01 10.40 -9.21
C ALA A 230 2.24 10.02 -7.96
N THR A 231 3.01 10.01 -6.88
CA THR A 231 2.53 9.61 -5.56
C THR A 231 1.50 10.58 -5.00
N GLY A 232 0.37 10.03 -4.61
CA GLY A 232 -0.67 10.73 -3.89
C GLY A 232 -0.16 11.19 -2.54
N GLY A 233 -0.53 12.40 -2.15
CA GLY A 233 -0.10 13.01 -0.91
C GLY A 233 -0.68 14.40 -0.71
N GLY A 234 -0.96 14.72 0.54
CA GLY A 234 -1.65 15.90 1.01
C GLY A 234 -2.38 15.66 2.31
N TYR A 235 -3.57 16.23 2.44
CA TYR A 235 -4.37 16.06 3.64
C TYR A 235 -5.83 15.92 3.23
N SER A 236 -6.62 15.26 4.06
CA SER A 236 -8.05 15.11 3.81
C SER A 236 -8.77 16.43 4.03
N VAL A 237 -9.80 16.67 3.21
CA VAL A 237 -10.59 17.86 3.51
C VAL A 237 -11.65 17.58 4.57
N TYR A 238 -11.89 16.31 4.89
CA TYR A 238 -12.98 15.94 5.78
C TYR A 238 -12.52 15.35 7.10
N GLU A 239 -11.56 14.43 7.05
CA GLU A 239 -11.07 13.75 8.25
C GLU A 239 -10.14 14.64 9.07
N SER A 240 -10.46 14.72 10.36
CA SER A 240 -9.71 15.43 11.38
C SER A 240 -8.36 14.78 11.66
N LYS A 241 -7.37 15.56 12.10
CA LYS A 241 -6.07 14.99 12.39
C LYS A 241 -6.10 14.07 13.61
N PRO A 242 -5.67 12.83 13.49
CA PRO A 242 -5.45 11.99 14.69
C PRO A 242 -4.30 12.56 15.50
N SER A 243 -4.40 12.45 16.81
CA SER A 243 -3.48 13.24 17.62
C SER A 243 -2.04 12.74 17.54
N TRP A 244 -1.77 11.48 17.22
CA TRP A 244 -0.38 11.07 17.02
C TRP A 244 0.28 11.87 15.89
N GLN A 245 -0.49 12.44 14.96
CA GLN A 245 0.07 13.23 13.86
C GLN A 245 0.51 14.62 14.31
N SER A 246 0.12 14.98 15.53
CA SER A 246 0.44 16.33 15.97
C SER A 246 1.93 16.56 16.08
N VAL A 247 2.77 15.52 16.04
CA VAL A 247 4.21 15.73 16.04
C VAL A 247 4.70 16.33 14.73
N VAL A 248 3.87 16.33 13.70
CA VAL A 248 4.27 17.05 12.47
C VAL A 248 3.76 18.49 12.58
N SER A 249 4.61 19.41 13.00
CA SER A 249 4.13 20.76 13.28
C SER A 249 3.97 21.56 11.99
N GLY A 250 3.10 22.55 12.06
CA GLY A 250 2.83 23.48 10.98
C GLY A 250 1.87 22.98 9.93
N THR A 251 1.07 22.00 10.31
CA THR A 251 0.08 21.45 9.38
C THR A 251 -1.35 21.60 9.88
N PRO A 252 -2.29 21.62 8.96
CA PRO A 252 -3.70 21.78 9.33
C PRO A 252 -4.22 20.68 10.25
N GLY A 253 -5.41 20.89 10.81
CA GLY A 253 -6.07 19.93 11.68
C GLY A 253 -6.80 18.82 10.97
N ARG A 254 -6.16 18.20 9.97
CA ARG A 254 -6.71 17.16 9.13
C ARG A 254 -5.81 15.94 9.08
N ARG A 255 -6.35 14.80 8.66
CA ARG A 255 -5.51 13.61 8.49
C ARG A 255 -4.51 13.86 7.38
N LEU A 256 -3.22 13.81 7.72
CA LEU A 256 -2.15 13.99 6.73
C LEU A 256 -1.76 12.65 6.11
N LEU A 257 -1.44 12.60 4.83
CA LEU A 257 -1.08 11.32 4.20
C LEU A 257 -0.02 11.54 3.12
N PRO A 258 0.79 10.54 2.78
CA PRO A 258 0.75 9.19 3.32
C PRO A 258 1.49 9.08 4.65
N ASP A 259 1.43 7.90 5.25
CA ASP A 259 2.12 7.68 6.52
C ASP A 259 3.58 7.30 6.27
N ILE A 260 3.76 6.38 5.35
CA ILE A 260 5.05 5.86 4.92
C ILE A 260 5.03 5.61 3.42
N SER A 261 6.18 5.33 2.84
CA SER A 261 6.19 5.10 1.39
C SER A 261 7.21 4.04 0.99
N PHE A 262 6.97 3.36 -0.12
CA PHE A 262 7.94 2.42 -0.69
C PHE A 262 7.97 2.59 -2.21
N ASP A 263 8.82 1.84 -2.89
CA ASP A 263 9.00 1.84 -4.33
C ASP A 263 7.68 1.87 -5.10
N ALA A 264 7.57 2.81 -6.03
CA ALA A 264 6.39 3.00 -6.86
C ALA A 264 6.66 3.39 -8.30
N ALA A 265 7.80 3.94 -8.68
CA ALA A 265 8.06 4.29 -10.07
C ALA A 265 8.01 3.06 -10.99
N GLN A 266 7.30 3.15 -12.12
CA GLN A 266 7.34 2.04 -13.05
C GLN A 266 8.78 1.80 -13.49
N GLY A 267 9.56 2.86 -13.70
CA GLY A 267 10.94 2.70 -14.10
C GLY A 267 11.81 1.97 -13.10
N THR A 268 11.36 1.88 -11.85
CA THR A 268 12.13 1.12 -10.86
C THR A 268 11.24 0.08 -10.17
N GLY A 269 10.20 -0.31 -10.89
CA GLY A 269 9.08 -1.12 -10.49
C GLY A 269 9.30 -2.60 -10.33
N ALA A 270 8.21 -3.37 -10.15
CA ALA A 270 8.33 -4.80 -9.94
C ALA A 270 8.11 -5.60 -11.22
N LEU A 271 8.83 -6.73 -11.34
CA LEU A 271 8.61 -7.61 -12.49
C LEU A 271 7.64 -8.72 -12.12
N ILE A 272 6.48 -8.71 -12.77
CA ILE A 272 5.30 -9.43 -12.31
C ILE A 272 4.75 -10.35 -13.39
N TYR A 273 4.33 -11.56 -13.02
CA TYR A 273 3.77 -12.45 -14.03
C TYR A 273 2.29 -12.13 -14.21
N ASN A 274 1.90 -11.83 -15.45
CA ASN A 274 0.53 -11.44 -15.78
C ASN A 274 0.10 -12.20 -17.02
N TYR A 275 -0.95 -13.01 -16.93
CA TYR A 275 -1.36 -13.89 -18.02
C TYR A 275 -0.15 -14.63 -18.57
N GLY A 276 0.74 -15.05 -17.66
CA GLY A 276 1.90 -15.84 -18.03
C GLY A 276 3.08 -15.04 -18.52
N GLN A 277 2.89 -13.73 -18.64
CA GLN A 277 3.88 -12.83 -19.19
C GLN A 277 4.44 -11.88 -18.12
N LEU A 278 5.76 -11.76 -18.16
CA LEU A 278 6.45 -10.92 -17.19
C LEU A 278 6.31 -9.46 -17.60
N GLN A 279 5.87 -8.62 -16.67
CA GLN A 279 5.72 -7.20 -16.94
C GLN A 279 6.36 -6.36 -15.82
N GLN A 280 6.82 -5.16 -16.15
CA GLN A 280 7.42 -4.26 -15.16
C GLN A 280 6.36 -3.24 -14.74
N ILE A 281 5.94 -3.36 -13.49
CA ILE A 281 4.82 -2.59 -12.99
C ILE A 281 5.16 -1.81 -11.73
N GLY A 282 4.65 -0.59 -11.64
CA GLY A 282 4.86 0.32 -10.54
C GLY A 282 3.55 0.83 -9.96
N GLY A 283 3.56 2.01 -9.36
CA GLY A 283 2.44 2.69 -8.75
C GLY A 283 2.43 2.56 -7.24
N THR A 284 1.55 3.28 -6.55
CA THR A 284 1.45 3.11 -5.10
C THR A 284 0.76 1.77 -4.82
N SER A 285 0.17 1.20 -5.86
CA SER A 285 -0.40 -0.15 -5.91
C SER A 285 0.68 -1.19 -5.66
N LEU A 286 1.94 -0.81 -5.94
CA LEU A 286 3.06 -1.66 -5.59
C LEU A 286 3.59 -1.38 -4.18
N ALA A 287 3.72 -0.10 -3.83
CA ALA A 287 4.32 0.22 -2.54
C ALA A 287 3.51 -0.37 -1.39
N SER A 288 2.20 -0.37 -1.52
CA SER A 288 1.34 -0.89 -0.44
C SER A 288 1.61 -2.35 -0.16
N PRO A 289 1.58 -3.25 -1.15
CA PRO A 289 1.87 -4.66 -0.88
C PRO A 289 3.31 -4.91 -0.42
N ILE A 290 4.25 -4.04 -0.74
CA ILE A 290 5.58 -4.22 -0.16
C ILE A 290 5.49 -4.00 1.35
N PHE A 291 4.80 -2.94 1.78
CA PHE A 291 4.61 -2.73 3.21
C PHE A 291 3.90 -3.90 3.87
N VAL A 292 2.82 -4.38 3.24
CA VAL A 292 2.06 -5.50 3.80
C VAL A 292 2.94 -6.71 4.05
N GLY A 293 3.79 -7.08 3.10
CA GLY A 293 4.68 -8.22 3.27
C GLY A 293 5.69 -8.01 4.38
N LEU A 294 6.32 -6.84 4.43
CA LEU A 294 7.29 -6.53 5.47
C LEU A 294 6.65 -6.52 6.86
N TRP A 295 5.46 -5.90 6.93
CA TRP A 295 4.76 -5.78 8.21
C TRP A 295 4.32 -7.16 8.69
N ALA A 296 3.93 -8.03 7.77
CA ALA A 296 3.56 -9.41 8.12
C ALA A 296 4.73 -10.16 8.74
N ARG A 297 5.96 -9.88 8.34
CA ARG A 297 7.10 -10.51 9.01
C ARG A 297 7.22 -10.08 10.47
N LEU A 298 7.08 -8.79 10.75
CA LEU A 298 7.19 -8.27 12.11
C LEU A 298 6.07 -8.86 12.98
N GLN A 299 4.91 -9.14 12.39
CA GLN A 299 3.85 -9.79 13.16
C GLN A 299 4.31 -11.20 13.54
N SER A 300 4.83 -11.92 12.55
CA SER A 300 5.30 -13.28 12.78
C SER A 300 6.37 -13.29 13.87
N ALA A 301 7.15 -12.22 13.83
CA ALA A 301 8.23 -12.03 14.79
C ALA A 301 7.70 -11.77 16.19
N ASN A 302 6.45 -11.32 16.26
CA ASN A 302 5.90 -10.88 17.55
C ASN A 302 4.59 -11.58 17.85
N SER A 303 4.50 -12.83 17.37
CA SER A 303 3.35 -13.65 17.71
C SER A 303 2.06 -12.96 17.30
N ASN A 304 2.12 -12.16 16.23
CA ASN A 304 0.94 -11.46 15.77
C ASN A 304 0.26 -10.66 16.87
N SER A 305 1.04 -10.14 17.80
CA SER A 305 0.49 -9.33 18.89
C SER A 305 0.52 -7.84 18.65
N LEU A 306 0.98 -7.38 17.49
CA LEU A 306 1.07 -5.93 17.23
C LEU A 306 -0.25 -5.35 16.74
N GLY A 307 -0.80 -4.41 17.50
CA GLY A 307 -2.04 -3.75 17.12
C GLY A 307 -1.84 -2.75 16.01
N PHE A 308 -2.84 -1.92 15.75
CA PHE A 308 -2.80 -0.92 14.69
C PHE A 308 -1.65 0.07 14.95
N PRO A 309 -0.67 0.14 14.05
CA PRO A 309 0.57 0.81 14.40
C PRO A 309 0.72 2.30 14.15
N ALA A 310 -0.33 3.02 13.75
CA ALA A 310 -0.13 4.42 13.38
C ALA A 310 0.52 5.24 14.49
N ALA A 311 -0.09 5.28 15.65
CA ALA A 311 0.42 6.08 16.76
C ALA A 311 1.87 5.75 17.06
N SER A 312 2.16 4.45 16.95
CA SER A 312 3.52 3.99 17.25
C SER A 312 4.50 4.43 16.17
N PHE A 313 4.08 4.37 14.91
CA PHE A 313 4.99 4.84 13.87
C PHE A 313 5.40 6.29 14.14
N TYR A 314 4.38 7.12 14.39
CA TYR A 314 4.63 8.55 14.54
C TYR A 314 5.48 8.84 15.76
N SER A 315 5.22 8.19 16.90
CA SER A 315 6.09 8.47 18.04
C SER A 315 7.49 7.90 17.84
N ALA A 316 7.59 6.68 17.31
CA ALA A 316 8.94 6.10 17.25
C ALA A 316 9.82 6.80 16.21
N ILE A 317 9.24 7.07 15.05
CA ILE A 317 10.07 7.61 13.98
C ILE A 317 10.44 9.06 14.25
N SER A 318 9.51 9.86 14.77
CA SER A 318 9.84 11.23 15.11
C SER A 318 10.98 11.33 16.12
N SER A 319 11.06 10.35 17.03
CA SER A 319 12.12 10.39 18.03
C SER A 319 13.32 9.52 17.65
N THR A 320 13.22 8.73 16.59
CA THR A 320 14.25 7.82 16.12
C THR A 320 14.43 7.82 14.61
N PRO A 321 15.02 8.87 14.06
CA PRO A 321 15.18 8.97 12.61
C PRO A 321 15.88 7.77 12.00
N SER A 322 16.66 6.99 12.75
CA SER A 322 17.33 5.87 12.10
C SER A 322 16.36 4.78 11.66
N LEU A 323 15.09 4.84 12.09
CA LEU A 323 14.16 3.78 11.70
C LEU A 323 13.72 3.86 10.24
N VAL A 324 13.99 4.98 9.55
CA VAL A 324 13.47 5.13 8.20
C VAL A 324 14.49 5.65 7.20
N HIS A 325 14.20 5.54 5.91
CA HIS A 325 14.92 6.28 4.87
C HIS A 325 14.19 7.58 4.54
N ASP A 326 14.70 8.73 4.96
CA ASP A 326 14.01 10.00 4.75
C ASP A 326 14.12 10.49 3.31
N VAL A 327 12.99 10.50 2.61
CA VAL A 327 12.97 11.03 1.24
C VAL A 327 13.10 12.54 1.31
N LYS A 328 13.98 13.13 0.50
CA LYS A 328 14.23 14.55 0.56
C LYS A 328 14.15 15.26 -0.78
N SER A 329 14.17 14.55 -1.90
CA SER A 329 14.16 15.22 -3.20
C SER A 329 12.95 14.84 -4.06
N GLY A 330 12.24 15.83 -4.56
CA GLY A 330 11.17 15.78 -5.52
C GLY A 330 9.88 16.49 -5.17
N ASN A 331 8.91 16.41 -6.07
CA ASN A 331 7.57 16.92 -5.83
C ASN A 331 6.52 15.98 -6.42
N ASN A 332 5.29 16.08 -5.93
CA ASN A 332 4.21 15.24 -6.44
C ASN A 332 3.18 16.05 -7.21
N GLY A 333 3.65 17.04 -7.96
CA GLY A 333 2.79 17.90 -8.74
C GLY A 333 3.26 18.02 -10.18
N TYR A 334 2.99 19.16 -10.82
CA TYR A 334 3.43 19.39 -12.20
C TYR A 334 3.43 20.88 -12.51
N GLY A 335 4.32 21.23 -13.44
CA GLY A 335 4.40 22.60 -13.93
C GLY A 335 4.75 23.58 -12.84
N GLY A 336 5.52 23.15 -11.84
CA GLY A 336 5.82 24.04 -10.73
C GLY A 336 4.89 23.87 -9.56
N TYR A 337 3.74 23.23 -9.75
CA TYR A 337 2.80 23.05 -8.64
C TYR A 337 3.12 21.76 -7.86
N GLY A 338 2.43 21.54 -6.75
CA GLY A 338 2.62 20.34 -5.95
C GLY A 338 3.39 20.60 -4.66
N TYR A 339 3.41 19.60 -3.79
CA TYR A 339 4.21 19.61 -2.57
C TYR A 339 5.62 19.11 -2.88
N ASN A 340 6.56 19.58 -2.08
CA ASN A 340 7.97 19.17 -2.20
C ASN A 340 8.37 18.29 -1.03
N ALA A 341 9.22 17.30 -1.29
CA ALA A 341 9.77 16.51 -0.20
C ALA A 341 10.68 17.39 0.66
N GLY A 342 11.01 16.95 1.87
CA GLY A 342 11.89 17.76 2.70
C GLY A 342 12.37 16.96 3.89
N THR A 343 13.09 17.63 4.77
CA THR A 343 13.56 16.97 5.99
C THR A 343 12.40 16.47 6.84
N GLY A 344 12.48 15.22 7.28
CA GLY A 344 11.40 14.62 8.05
C GLY A 344 10.13 14.42 7.25
N TRP A 345 9.01 14.35 7.96
CA TRP A 345 7.73 14.05 7.34
C TRP A 345 7.41 15.03 6.24
N ASP A 346 6.98 14.55 5.06
CA ASP A 346 6.50 15.49 4.05
C ASP A 346 5.25 14.95 3.35
N TYR A 347 4.56 15.81 2.60
CA TYR A 347 3.32 15.37 1.97
C TYR A 347 3.50 14.38 0.84
N PRO A 348 4.53 14.41 0.01
CA PRO A 348 4.61 13.33 -1.00
C PRO A 348 4.95 11.97 -0.43
N THR A 349 5.72 11.87 0.65
CA THR A 349 6.20 10.55 1.06
C THR A 349 5.97 10.22 2.53
N GLY A 350 5.51 11.19 3.32
CA GLY A 350 5.38 10.91 4.75
C GLY A 350 6.74 10.76 5.41
N TRP A 351 6.93 9.75 6.24
CA TRP A 351 8.16 9.48 6.96
C TRP A 351 9.22 8.85 6.06
N GLY A 352 8.81 8.37 4.89
CA GLY A 352 9.70 7.65 3.97
C GLY A 352 9.55 6.15 4.14
N SER A 353 10.56 5.36 3.76
CA SER A 353 10.46 3.90 3.85
C SER A 353 11.11 3.39 5.14
N LEU A 354 10.65 2.25 5.61
CA LEU A 354 11.09 1.62 6.84
C LEU A 354 12.33 0.75 6.65
N ASP A 355 13.26 0.87 7.58
CA ASP A 355 14.35 -0.07 7.74
C ASP A 355 13.88 -1.18 8.69
N ILE A 356 13.65 -2.36 8.14
CA ILE A 356 12.89 -3.36 8.92
C ILE A 356 13.69 -3.93 10.07
N ALA A 357 14.96 -4.25 9.87
CA ALA A 357 15.72 -4.82 10.98
C ALA A 357 15.86 -3.84 12.13
N LYS A 358 16.02 -2.56 11.79
CA LYS A 358 16.13 -1.57 12.85
C LYS A 358 14.80 -1.37 13.54
N LEU A 359 13.70 -1.44 12.80
CA LEU A 359 12.39 -1.30 13.43
C LEU A 359 12.15 -2.52 14.32
N SER A 360 12.67 -3.64 13.81
CA SER A 360 12.45 -4.88 14.55
C SER A 360 13.07 -4.80 15.94
N ALA A 361 14.30 -4.33 15.98
CA ALA A 361 15.04 -4.17 17.23
C ALA A 361 14.38 -3.17 18.19
N TYR A 362 13.95 -2.03 17.67
CA TYR A 362 13.22 -1.02 18.44
C TYR A 362 12.05 -1.70 19.16
N ILE A 363 11.26 -2.45 18.40
CA ILE A 363 10.11 -3.14 18.97
C ILE A 363 10.55 -4.16 20.00
N ARG A 364 11.73 -4.74 19.76
CA ARG A 364 12.25 -5.71 20.71
C ARG A 364 12.40 -5.03 22.07
N SER A 365 13.03 -3.86 22.01
CA SER A 365 13.30 -3.14 23.25
C SER A 365 12.09 -2.39 23.78
N ASN A 366 11.25 -1.83 22.91
CA ASN A 366 10.18 -0.99 23.45
C ASN A 366 8.76 -1.45 23.21
N GLY A 367 8.48 -2.54 22.51
CA GLY A 367 7.09 -2.80 22.16
C GLY A 367 6.60 -1.89 21.06
N PHE A 368 5.37 -2.11 20.56
CA PHE A 368 4.83 -1.34 19.46
C PHE A 368 3.30 -1.22 19.51
N LEU B 3 -8.11 1.10 -9.82
CA LEU B 3 -6.93 0.32 -9.43
C LEU B 3 -5.75 1.27 -9.29
#